data_2CHH
#
_entry.id   2CHH
#
_cell.length_a   59.292
_cell.length_b   62.064
_cell.length_c   74.893
_cell.angle_alpha   90.00
_cell.angle_beta   90.00
_cell.angle_gamma   90.00
#
_symmetry.space_group_name_H-M   'I 2 2 2'
#
loop_
_entity.id
_entity.type
_entity.pdbx_description
1 polymer 'PROTEIN RSC3288'
2 non-polymer 'CALCIUM ION'
3 non-polymer 'UNKNOWN ATOM OR ION'
4 non-polymer alpha-D-mannopyranose
5 non-polymer beta-D-mannopyranose
6 water water
#
_entity_poly.entity_id   1
_entity_poly.type   'polypeptide(L)'
_entity_poly.pdbx_seq_one_letter_code
;MAQQGVFTLPANTSFGVTAFANAANTQTIQVLVDNVVKATFTGSGTSDKLLGSQVLNSGSGAIKIQVSVNGKPSDLVSNQ
TILANKLNFAMVGSEDGTDNDYNDGIAVLNWPLG
;
_entity_poly.pdbx_strand_id   A
#
loop_
_chem_comp.id
_chem_comp.type
_chem_comp.name
_chem_comp.formula
BMA D-saccharide, beta linking beta-D-mannopyranose 'C6 H12 O6'
CA non-polymer 'CALCIUM ION' 'Ca 2'
MAN D-saccharide, alpha linking alpha-D-mannopyranose 'C6 H12 O6'
UNX non-polymer 'UNKNOWN ATOM OR ION' ?
#
# COMPACT_ATOMS: atom_id res chain seq x y z
N ALA A 2 0.19 16.94 2.31
CA ALA A 2 0.78 16.11 3.38
C ALA A 2 1.38 14.91 2.72
N GLN A 3 2.46 14.46 3.30
N GLN A 3 2.17 14.17 3.51
CA GLN A 3 2.91 13.13 2.96
CA GLN A 3 2.83 12.87 3.12
C GLN A 3 1.75 12.12 3.08
C GLN A 3 2.14 11.41 3.28
N GLN A 4 1.70 11.12 2.24
N GLN A 4 1.45 11.18 2.24
CA GLN A 4 0.67 10.05 2.23
C GLN A 4 1.43 8.74 2.06
N GLY A 5 0.81 7.65 2.47
CA GLY A 5 1.41 6.33 2.35
C GLY A 5 2.40 5.97 3.42
N VAL A 6 2.52 6.78 4.47
CA VAL A 6 3.42 6.53 5.57
C VAL A 6 2.60 6.15 6.78
N PHE A 7 2.97 5.05 7.44
CA PHE A 7 2.24 4.53 8.56
C PHE A 7 3.19 4.08 9.63
N THR A 8 2.84 4.32 10.89
CA THR A 8 3.54 3.79 12.03
C THR A 8 2.80 2.59 12.55
N LEU A 9 3.42 1.42 12.46
CA LEU A 9 2.92 0.18 12.98
C LEU A 9 3.57 -0.10 14.29
N PRO A 10 2.99 -1.00 15.09
CA PRO A 10 3.75 -1.53 16.24
C PRO A 10 5.03 -2.19 15.75
N ALA A 11 6.09 -2.10 16.53
CA ALA A 11 7.37 -2.71 16.16
C ALA A 11 7.30 -4.23 16.18
N ASN A 12 8.13 -4.84 15.36
CA ASN A 12 8.33 -6.28 15.38
C ASN A 12 7.03 -7.04 15.31
N THR A 13 6.16 -6.62 14.40
CA THR A 13 4.83 -7.21 14.25
C THR A 13 4.61 -7.64 12.84
N SER A 14 4.07 -8.83 12.65
CA SER A 14 3.72 -9.25 11.31
C SER A 14 2.50 -8.49 10.82
N PHE A 15 2.52 -8.10 9.56
CA PHE A 15 1.39 -7.49 8.92
C PHE A 15 1.24 -8.03 7.52
N GLY A 16 0.00 -8.02 7.04
CA GLY A 16 -0.26 -8.38 5.66
C GLY A 16 -0.35 -7.15 4.80
N VAL A 17 0.07 -7.29 3.54
CA VAL A 17 -0.06 -6.25 2.54
C VAL A 17 -0.50 -6.86 1.26
N THR A 18 -1.54 -6.29 0.66
CA THR A 18 -2.16 -6.82 -0.55
C THR A 18 -2.28 -5.65 -1.52
N ALA A 19 -1.94 -5.89 -2.79
CA ALA A 19 -1.86 -4.82 -3.79
C ALA A 19 -2.74 -5.12 -4.96
N PHE A 20 -3.29 -4.08 -5.56
CA PHE A 20 -4.20 -4.16 -6.69
C PHE A 20 -3.85 -3.10 -7.72
N ALA A 21 -4.21 -3.40 -8.97
CA ALA A 21 -4.26 -2.40 -10.03
C ALA A 21 -5.66 -2.19 -10.52
N ASN A 22 -5.93 -0.93 -10.88
CA ASN A 22 -7.11 -0.55 -11.69
C ASN A 22 -6.61 0.48 -12.69
N ALA A 23 -5.87 0.04 -13.68
CA ALA A 23 -5.07 0.96 -14.50
C ALA A 23 -4.67 0.27 -15.77
N ALA A 24 -4.57 1.06 -16.84
CA ALA A 24 -3.97 0.57 -18.09
C ALA A 24 -2.46 0.50 -17.98
N ASN A 25 -1.85 1.41 -17.22
CA ASN A 25 -0.39 1.44 -17.08
C ASN A 25 0.08 0.49 -16.01
N THR A 26 1.29 -0.02 -16.18
CA THR A 26 1.87 -0.92 -15.22
C THR A 26 2.22 -0.17 -13.93
N GLN A 27 1.67 -0.66 -12.85
CA GLN A 27 1.92 -0.10 -11.53
C GLN A 27 3.08 -0.82 -10.88
N THR A 28 3.91 -0.07 -10.16
CA THR A 28 4.94 -0.61 -9.29
C THR A 28 4.61 -0.12 -7.88
N ILE A 29 4.28 -1.05 -7.01
CA ILE A 29 3.87 -0.75 -5.63
C ILE A 29 4.91 -1.35 -4.73
N GLN A 30 5.61 -0.52 -3.98
CA GLN A 30 6.68 -0.94 -3.11
C GLN A 30 6.29 -0.73 -1.67
N VAL A 31 6.66 -1.69 -0.84
CA VAL A 31 6.44 -1.65 0.60
C VAL A 31 7.78 -1.53 1.27
N LEU A 32 8.02 -0.41 1.93
CA LEU A 32 9.25 -0.13 2.60
C LEU A 32 9.06 -0.30 4.10
N VAL A 33 10.02 -0.94 4.74
CA VAL A 33 10.07 -1.09 6.18
C VAL A 33 11.39 -0.47 6.59
N ASP A 34 11.38 0.57 7.43
CA ASP A 34 12.60 1.23 7.83
C ASP A 34 13.42 1.64 6.60
N ASN A 35 12.72 2.25 5.65
CA ASN A 35 13.31 2.83 4.44
C ASN A 35 13.88 1.87 3.44
N VAL A 36 13.61 0.59 3.60
CA VAL A 36 14.15 -0.45 2.73
C VAL A 36 13.00 -1.18 2.09
N VAL A 37 13.01 -1.32 0.77
CA VAL A 37 11.97 -2.03 0.07
C VAL A 37 12.01 -3.50 0.44
N LYS A 38 10.90 -4.02 0.96
N LYS A 38 10.90 -3.99 0.98
CA LYS A 38 10.78 -5.41 1.37
CA LYS A 38 10.73 -5.38 1.42
C LYS A 38 9.81 -6.18 0.51
C LYS A 38 9.79 -6.20 0.55
N ALA A 39 8.97 -5.53 -0.27
CA ALA A 39 8.08 -6.20 -1.20
C ALA A 39 7.80 -5.25 -2.34
N THR A 40 7.64 -5.81 -3.53
CA THR A 40 7.30 -5.06 -4.71
C THR A 40 6.23 -5.83 -5.47
N PHE A 41 5.18 -5.16 -5.85
CA PHE A 41 4.09 -5.70 -6.62
C PHE A 41 4.00 -4.92 -7.93
N THR A 42 3.86 -5.65 -9.03
CA THR A 42 3.88 -5.01 -10.33
C THR A 42 2.78 -5.57 -11.21
N GLY A 43 2.08 -4.74 -11.93
CA GLY A 43 1.16 -5.18 -12.94
C GLY A 43 0.16 -4.14 -13.30
N SER A 44 -0.75 -4.54 -14.16
CA SER A 44 -1.78 -3.67 -14.70
C SER A 44 -3.06 -4.46 -14.85
N GLY A 45 -4.12 -3.75 -15.18
CA GLY A 45 -5.43 -4.36 -15.36
C GLY A 45 -6.44 -3.42 -14.73
N THR A 46 -7.62 -3.38 -15.33
CA THR A 46 -8.62 -2.38 -14.92
C THR A 46 -9.75 -2.94 -14.06
N SER A 47 -9.70 -4.23 -13.71
N SER A 47 -9.71 -4.18 -13.66
CA SER A 47 -10.72 -4.90 -12.89
CA SER A 47 -10.77 -4.72 -12.83
C SER A 47 -10.15 -5.41 -11.57
C SER A 47 -10.19 -5.37 -11.59
N ASP A 48 -9.63 -4.51 -10.76
CA ASP A 48 -9.08 -4.89 -9.47
C ASP A 48 -8.14 -6.06 -9.56
N LYS A 49 -7.18 -5.97 -10.47
CA LYS A 49 -6.21 -7.03 -10.62
C LYS A 49 -5.44 -7.18 -9.32
N LEU A 50 -5.41 -8.40 -8.84
N LEU A 50 -5.59 -8.30 -8.61
CA LEU A 50 -4.67 -8.71 -7.65
CA LEU A 50 -4.77 -8.56 -7.40
C LEU A 50 -3.24 -8.87 -8.05
C LEU A 50 -3.31 -8.94 -7.81
N LEU A 51 -2.39 -8.03 -7.50
CA LEU A 51 -0.97 -8.08 -7.84
C LEU A 51 -0.19 -8.98 -6.92
N GLY A 52 -0.69 -9.22 -5.71
CA GLY A 52 -0.08 -10.11 -4.76
C GLY A 52 -0.48 -9.78 -3.36
N SER A 53 -0.09 -10.64 -2.45
CA SER A 53 -0.33 -10.45 -1.02
C SER A 53 0.81 -11.13 -0.29
N GLN A 54 1.40 -10.42 0.68
N GLN A 54 1.35 -10.44 0.71
CA GLN A 54 2.54 -10.93 1.42
CA GLN A 54 2.57 -10.86 1.39
C GLN A 54 2.40 -10.56 2.88
C GLN A 54 2.51 -10.47 2.87
N VAL A 55 3.11 -11.30 3.73
CA VAL A 55 3.25 -10.99 5.14
C VAL A 55 4.68 -10.57 5.39
N LEU A 56 4.84 -9.45 6.10
CA LEU A 56 6.12 -8.85 6.39
C LEU A 56 6.21 -8.54 7.88
N ASN A 57 7.44 -8.42 8.39
CA ASN A 57 7.68 -7.90 9.72
C ASN A 57 7.80 -6.38 9.66
N SER A 58 7.21 -5.73 10.64
CA SER A 58 7.20 -4.27 10.66
C SER A 58 8.50 -3.59 11.08
N GLY A 59 9.51 -4.33 11.48
CA GLY A 59 10.75 -3.68 11.88
C GLY A 59 10.53 -2.77 13.06
N SER A 60 11.06 -1.55 12.98
CA SER A 60 10.82 -0.57 14.02
C SER A 60 9.38 -0.07 14.03
N GLY A 61 8.64 -0.35 12.97
CA GLY A 61 7.29 0.10 12.79
C GLY A 61 7.14 1.14 11.69
N ALA A 62 8.21 1.61 11.08
CA ALA A 62 8.16 2.68 10.08
C ALA A 62 7.89 2.11 8.70
N ILE A 63 6.64 2.14 8.26
CA ILE A 63 6.24 1.63 6.96
C ILE A 63 6.03 2.81 6.01
N LYS A 64 6.39 2.62 4.76
N LYS A 64 6.42 2.62 4.76
CA LYS A 64 6.12 3.57 3.69
CA LYS A 64 6.11 3.55 3.69
C LYS A 64 5.74 2.81 2.44
C LYS A 64 5.70 2.77 2.46
N ILE A 65 4.65 3.21 1.81
CA ILE A 65 4.21 2.66 0.55
C ILE A 65 4.53 3.66 -0.55
N GLN A 66 5.14 3.19 -1.63
CA GLN A 66 5.42 3.98 -2.81
C GLN A 66 4.69 3.38 -3.99
N VAL A 67 4.14 4.21 -4.85
CA VAL A 67 3.53 3.75 -6.10
C VAL A 67 4.09 4.59 -7.22
N SER A 68 4.48 3.94 -8.32
N SER A 68 4.58 3.90 -8.26
CA SER A 68 5.04 4.66 -9.49
CA SER A 68 5.18 4.51 -9.44
C SER A 68 4.66 3.89 -10.72
C SER A 68 4.68 3.86 -10.72
N VAL A 69 4.78 4.59 -11.83
CA VAL A 69 4.57 4.02 -13.15
C VAL A 69 5.86 4.34 -13.92
N ASN A 70 6.65 3.30 -14.22
N ASN A 70 6.61 3.27 -14.24
CA ASN A 70 7.89 3.44 -14.99
CA ASN A 70 7.91 3.33 -14.95
C ASN A 70 8.72 4.57 -14.41
C ASN A 70 8.87 4.38 -14.41
N GLY A 71 8.90 4.49 -13.10
CA GLY A 71 9.75 5.38 -12.40
C GLY A 71 9.13 6.69 -11.99
N LYS A 72 7.95 7.05 -12.49
CA LYS A 72 7.33 8.32 -12.14
C LYS A 72 6.41 8.14 -10.94
N PRO A 73 6.67 8.79 -9.80
CA PRO A 73 5.79 8.61 -8.64
C PRO A 73 4.37 9.04 -8.92
N SER A 74 3.43 8.23 -8.47
CA SER A 74 2.02 8.57 -8.53
C SER A 74 1.65 9.50 -7.36
N ASP A 75 0.47 10.07 -7.44
CA ASP A 75 -0.05 10.89 -6.36
C ASP A 75 -0.79 9.99 -5.40
N LEU A 76 -0.37 9.91 -4.14
CA LEU A 76 -0.92 8.98 -3.19
C LEU A 76 -2.00 9.63 -2.30
N VAL A 77 -2.89 8.79 -1.83
N VAL A 77 -2.95 8.82 -1.88
CA VAL A 77 -3.83 9.17 -0.78
CA VAL A 77 -3.86 9.15 -0.79
C VAL A 77 -3.92 7.99 0.18
C VAL A 77 -3.90 7.97 0.17
N SER A 78 -4.08 8.23 1.46
CA SER A 78 -4.02 7.14 2.42
C SER A 78 -4.75 7.48 3.71
N ASN A 79 -5.01 6.46 4.50
N ASN A 79 -5.01 6.42 4.47
CA ASN A 79 -5.38 6.66 5.90
CA ASN A 79 -5.76 6.48 5.70
C ASN A 79 -5.26 5.32 6.59
C ASN A 79 -5.49 5.23 6.54
N GLN A 80 -5.57 5.32 7.88
CA GLN A 80 -5.58 4.15 8.72
C GLN A 80 -6.87 4.13 9.53
N THR A 81 -7.48 2.96 9.65
N THR A 81 -7.44 2.96 9.69
CA THR A 81 -8.72 2.74 10.42
CA THR A 81 -8.63 2.81 10.49
C THR A 81 -8.51 1.61 11.40
C THR A 81 -8.44 1.63 11.43
N ILE A 82 -9.11 1.74 12.58
CA ILE A 82 -9.04 0.72 13.61
C ILE A 82 -10.47 0.35 14.00
N LEU A 83 -10.75 -0.95 13.94
N LEU A 83 -10.77 -0.94 13.92
CA LEU A 83 -12.06 -1.53 14.24
CA LEU A 83 -12.08 -1.51 14.28
C LEU A 83 -11.95 -2.35 15.53
C LEU A 83 -11.93 -2.33 15.55
N ALA A 84 -12.95 -2.23 16.38
CA ALA A 84 -13.01 -2.97 17.64
C ALA A 84 -11.78 -2.73 18.50
N ASN A 85 -11.17 -1.55 18.35
CA ASN A 85 -9.99 -1.21 19.09
C ASN A 85 -8.86 -2.23 18.95
N LYS A 86 -8.81 -2.91 17.80
N LYS A 86 -8.92 -3.00 17.86
CA LYS A 86 -7.86 -4.01 17.66
CA LYS A 86 -8.15 -4.23 17.68
C LYS A 86 -7.46 -4.31 16.24
C LYS A 86 -7.50 -4.23 16.26
N LEU A 87 -8.39 -4.30 15.31
CA LEU A 87 -8.13 -4.65 13.93
C LEU A 87 -7.78 -3.41 13.15
N ASN A 88 -6.58 -3.36 12.59
CA ASN A 88 -6.07 -2.22 11.86
C ASN A 88 -6.03 -2.47 10.38
N PHE A 89 -6.45 -1.47 9.62
CA PHE A 89 -6.22 -1.40 8.19
C PHE A 89 -5.54 -0.10 7.86
N ALA A 90 -4.58 -0.17 6.95
CA ALA A 90 -3.97 1.03 6.36
C ALA A 90 -4.17 0.92 4.86
N MET A 91 -4.77 1.91 4.28
N MET A 91 -4.72 1.97 4.28
CA MET A 91 -5.11 1.89 2.87
CA MET A 91 -5.22 2.05 2.90
C MET A 91 -4.37 2.97 2.13
C MET A 91 -4.41 3.05 2.09
N VAL A 92 -3.95 2.65 0.91
CA VAL A 92 -3.30 3.58 0.00
C VAL A 92 -3.97 3.45 -1.35
N GLY A 93 -4.41 4.57 -1.89
CA GLY A 93 -4.76 4.68 -3.29
C GLY A 93 -3.77 5.59 -3.98
N SER A 94 -3.88 5.65 -5.30
CA SER A 94 -2.92 6.45 -6.06
C SER A 94 -3.52 6.79 -7.41
N GLU A 95 -3.04 7.91 -7.95
CA GLU A 95 -3.45 8.42 -9.23
C GLU A 95 -2.21 8.60 -10.10
N ASP A 96 -2.22 7.95 -11.26
CA ASP A 96 -1.12 8.00 -12.21
C ASP A 96 -1.38 8.91 -13.38
N GLY A 97 -2.50 9.59 -13.41
CA GLY A 97 -2.95 10.31 -14.59
C GLY A 97 -3.81 11.47 -14.28
N THR A 98 -4.88 11.64 -15.02
CA THR A 98 -5.71 12.81 -15.01
C THR A 98 -7.16 12.56 -14.61
N ASP A 99 -7.62 11.32 -14.53
CA ASP A 99 -9.03 11.09 -14.27
C ASP A 99 -9.38 11.14 -12.78
N ASN A 100 -8.38 11.13 -11.90
CA ASN A 100 -8.59 11.28 -10.46
C ASN A 100 -9.54 10.26 -9.88
N ASP A 101 -9.37 9.02 -10.32
CA ASP A 101 -10.12 7.93 -9.70
C ASP A 101 -9.33 7.36 -8.51
N TYR A 102 -8.04 7.64 -8.41
CA TYR A 102 -7.23 7.27 -7.24
C TYR A 102 -7.23 5.78 -6.94
N ASN A 103 -7.51 4.96 -7.95
CA ASN A 103 -7.57 3.52 -7.76
C ASN A 103 -6.50 2.81 -8.54
N ASP A 104 -5.53 3.52 -9.11
CA ASP A 104 -4.68 2.95 -10.14
C ASP A 104 -3.79 1.85 -9.59
N GLY A 105 -3.17 2.18 -8.45
CA GLY A 105 -2.38 1.26 -7.67
C GLY A 105 -2.82 1.39 -6.23
N ILE A 106 -3.29 0.31 -5.64
CA ILE A 106 -3.83 0.26 -4.29
C ILE A 106 -3.01 -0.68 -3.45
N ALA A 107 -2.78 -0.31 -2.19
CA ALA A 107 -2.26 -1.23 -1.20
C ALA A 107 -3.20 -1.20 0.01
N VAL A 108 -3.44 -2.39 0.56
CA VAL A 108 -4.20 -2.54 1.81
C VAL A 108 -3.34 -3.33 2.76
N LEU A 109 -3.04 -2.76 3.91
CA LEU A 109 -2.28 -3.40 4.96
C LEU A 109 -3.24 -3.76 6.08
N ASN A 110 -3.00 -4.89 6.75
CA ASN A 110 -3.80 -5.25 7.89
C ASN A 110 -2.95 -5.91 8.96
N TRP A 111 -3.32 -5.66 10.20
CA TRP A 111 -2.65 -6.28 11.34
C TRP A 111 -3.55 -6.11 12.55
N PRO A 112 -3.33 -6.83 13.64
CA PRO A 112 -2.43 -7.98 13.76
C PRO A 112 -2.97 -9.20 13.06
N LEU A 113 -2.06 -10.11 12.81
CA LEU A 113 -2.36 -11.43 12.25
C LEU A 113 -2.55 -12.42 13.38
N GLY A 114 -2.60 -13.70 13.06
CA GLY A 114 -2.65 -14.77 14.08
C GLY A 114 -4.05 -15.25 14.37
CA CA B . -7.96 3.75 -12.64
CA CA C . -6.44 7.17 -12.59
UNK UNX D . -8.87 -0.99 3.80
C1 MAN E . -7.03 3.81 -17.29
C2 MAN E . -7.75 4.21 -16.02
C3 MAN E . -7.14 5.46 -15.44
C4 MAN E . -5.64 5.37 -15.30
C5 MAN E . -5.03 5.06 -16.68
C6 MAN E . -3.56 4.91 -16.72
O1 MAN E . -7.43 4.69 -18.30
O2 MAN E . -7.60 3.17 -15.04
O3 MAN E . -7.73 5.71 -14.15
O4 MAN E . -5.19 6.61 -14.78
O5 MAN E . -5.61 3.80 -17.13
O6 MAN E . -3.11 3.84 -15.91
C1 BMA F . -7.03 3.81 -17.29
C2 BMA F . -7.75 4.21 -16.02
C3 BMA F . -7.14 5.46 -15.44
C4 BMA F . -5.64 5.37 -15.30
C5 BMA F . -5.03 5.06 -16.68
C6 BMA F . -3.56 4.91 -16.72
O1 BMA F . -7.25 2.58 -17.74
O2 BMA F . -7.60 3.17 -15.04
O3 BMA F . -7.73 5.71 -14.15
O4 BMA F . -5.19 6.61 -14.78
O5 BMA F . -5.61 3.80 -17.13
O6 BMA F . -3.11 3.84 -15.91
#